data_2A7E
# 
_entry.id   2A7E 
# 
_audit_conform.dict_name       mmcif_pdbx.dic 
_audit_conform.dict_version    5.387 
_audit_conform.dict_location   http://mmcif.pdb.org/dictionaries/ascii/mmcif_pdbx.dic 
# 
loop_
_database_2.database_id 
_database_2.database_code 
_database_2.pdbx_database_accession 
_database_2.pdbx_DOI 
PDB   2A7E         pdb_00002a7e 10.2210/pdb2a7e/pdb 
NDB   AD0056       ?            ?                   
RCSB  RCSB033580   ?            ?                   
WWPDB D_1000033580 ?            ?                   
# 
loop_
_pdbx_audit_revision_history.ordinal 
_pdbx_audit_revision_history.data_content_type 
_pdbx_audit_revision_history.major_revision 
_pdbx_audit_revision_history.minor_revision 
_pdbx_audit_revision_history.revision_date 
1 'Structure model' 1 0 2005-07-19 
2 'Structure model' 1 1 2008-04-30 
3 'Structure model' 1 2 2011-07-13 
4 'Structure model' 1 3 2024-02-14 
# 
_pdbx_audit_revision_details.ordinal             1 
_pdbx_audit_revision_details.revision_ordinal    1 
_pdbx_audit_revision_details.data_content_type   'Structure model' 
_pdbx_audit_revision_details.provider            repository 
_pdbx_audit_revision_details.type                'Initial release' 
_pdbx_audit_revision_details.description         ? 
_pdbx_audit_revision_details.details             ? 
# 
loop_
_pdbx_audit_revision_group.ordinal 
_pdbx_audit_revision_group.revision_ordinal 
_pdbx_audit_revision_group.data_content_type 
_pdbx_audit_revision_group.group 
1 2 'Structure model' 'Version format compliance' 
2 3 'Structure model' 'Version format compliance' 
3 4 'Structure model' 'Data collection'           
4 4 'Structure model' 'Database references'       
# 
loop_
_pdbx_audit_revision_category.ordinal 
_pdbx_audit_revision_category.revision_ordinal 
_pdbx_audit_revision_category.data_content_type 
_pdbx_audit_revision_category.category 
1 4 'Structure model' chem_comp_atom 
2 4 'Structure model' chem_comp_bond 
3 4 'Structure model' database_2     
# 
loop_
_pdbx_audit_revision_item.ordinal 
_pdbx_audit_revision_item.revision_ordinal 
_pdbx_audit_revision_item.data_content_type 
_pdbx_audit_revision_item.item 
1 4 'Structure model' '_database_2.pdbx_DOI'                
2 4 'Structure model' '_database_2.pdbx_database_accession' 
# 
_pdbx_database_status.status_code                     REL 
_pdbx_database_status.entry_id                        2A7E 
_pdbx_database_status.recvd_initial_deposition_date   2005-07-05 
_pdbx_database_status.deposit_site                    RCSB 
_pdbx_database_status.process_site                    RCSB 
_pdbx_database_status.status_code_sf                  REL 
_pdbx_database_status.status_code_mr                  ? 
_pdbx_database_status.SG_entry                        ? 
_pdbx_database_status.pdb_format_compatible           Y 
_pdbx_database_status.status_code_cs                  ? 
_pdbx_database_status.status_code_nmr_data            ? 
_pdbx_database_status.methods_development_category    ? 
# 
loop_
_audit_author.name 
_audit_author.pdbx_ordinal 
'Mueller-Dieckmann, C.' 1 
'Panjikar, S.'          2 
'Tucker, P.A.'          3 
'Weiss, M.S.'           4 
# 
_citation.id                        primary 
_citation.title                     
'On the routine use of soft X-rays in macromolecular crystallography. Part III. The optimal data-collection wavelength.' 
_citation.journal_abbrev            'Acta Crystallogr.,Sect.D' 
_citation.journal_volume            61 
_citation.page_first                1263 
_citation.page_last                 1272 
_citation.year                      2005 
_citation.journal_id_ASTM           ABCRE6 
_citation.country                   DK 
_citation.journal_id_ISSN           0907-4449 
_citation.journal_id_CSD            0766 
_citation.book_publisher            ? 
_citation.pdbx_database_id_PubMed   16131760 
_citation.pdbx_database_id_DOI      10.1107/S0907444905021475 
# 
loop_
_citation_author.citation_id 
_citation_author.name 
_citation_author.ordinal 
_citation_author.identifier_ORCID 
primary 'Mueller-Dieckmann, C.' 1 ? 
primary 'Panjikar, S.'          2 ? 
primary 'Tucker, P.A.'          3 ? 
primary 'Weiss, M.S.'           4 ? 
# 
loop_
_entity.id 
_entity.type 
_entity.src_method 
_entity.pdbx_description 
_entity.formula_weight 
_entity.pdbx_number_of_molecules 
_entity.pdbx_ec 
_entity.pdbx_mutation 
_entity.pdbx_fragment 
_entity.details 
1 polymer syn 
;DNA (5'-D(*CP*CP*CP*TP*AP*GP*GP*G)-3')
;
2427.605 1  ? ? ? ? 
2 water   nat water                                    18.015   32 ? ? ? ? 
# 
_entity_poly.entity_id                      1 
_entity_poly.type                           polydeoxyribonucleotide 
_entity_poly.nstd_linkage                   no 
_entity_poly.nstd_monomer                   no 
_entity_poly.pdbx_seq_one_letter_code       '(DC)(DC)(DC)(DT)(DA)(DG)(DG)(DG)' 
_entity_poly.pdbx_seq_one_letter_code_can   CCCTAGGG 
_entity_poly.pdbx_strand_id                 S 
_entity_poly.pdbx_target_identifier         ? 
# 
_pdbx_entity_nonpoly.entity_id   2 
_pdbx_entity_nonpoly.name        water 
_pdbx_entity_nonpoly.comp_id     HOH 
# 
loop_
_entity_poly_seq.entity_id 
_entity_poly_seq.num 
_entity_poly_seq.mon_id 
_entity_poly_seq.hetero 
1 1 DC n 
1 2 DC n 
1 3 DC n 
1 4 DT n 
1 5 DA n 
1 6 DG n 
1 7 DG n 
1 8 DG n 
# 
_pdbx_entity_src_syn.entity_id              1 
_pdbx_entity_src_syn.pdbx_src_id            1 
_pdbx_entity_src_syn.pdbx_alt_source_flag   sample 
_pdbx_entity_src_syn.pdbx_beg_seq_num       ? 
_pdbx_entity_src_syn.pdbx_end_seq_num       ? 
_pdbx_entity_src_syn.organism_scientific    ? 
_pdbx_entity_src_syn.organism_common_name   ? 
_pdbx_entity_src_syn.ncbi_taxonomy_id       ? 
_pdbx_entity_src_syn.details                'Chemically synthesized' 
# 
loop_
_chem_comp.id 
_chem_comp.type 
_chem_comp.mon_nstd_flag 
_chem_comp.name 
_chem_comp.pdbx_synonyms 
_chem_comp.formula 
_chem_comp.formula_weight 
DA  'DNA linking' y "2'-DEOXYADENOSINE-5'-MONOPHOSPHATE" ? 'C10 H14 N5 O6 P' 331.222 
DC  'DNA linking' y "2'-DEOXYCYTIDINE-5'-MONOPHOSPHATE"  ? 'C9 H14 N3 O7 P'  307.197 
DG  'DNA linking' y "2'-DEOXYGUANOSINE-5'-MONOPHOSPHATE" ? 'C10 H14 N5 O7 P' 347.221 
DT  'DNA linking' y "THYMIDINE-5'-MONOPHOSPHATE"         ? 'C10 H15 N2 O8 P' 322.208 
HOH non-polymer   . WATER                                ? 'H2 O'            18.015  
# 
loop_
_pdbx_poly_seq_scheme.asym_id 
_pdbx_poly_seq_scheme.entity_id 
_pdbx_poly_seq_scheme.seq_id 
_pdbx_poly_seq_scheme.mon_id 
_pdbx_poly_seq_scheme.ndb_seq_num 
_pdbx_poly_seq_scheme.pdb_seq_num 
_pdbx_poly_seq_scheme.auth_seq_num 
_pdbx_poly_seq_scheme.pdb_mon_id 
_pdbx_poly_seq_scheme.auth_mon_id 
_pdbx_poly_seq_scheme.pdb_strand_id 
_pdbx_poly_seq_scheme.pdb_ins_code 
_pdbx_poly_seq_scheme.hetero 
A 1 1 DC 1 1 1 DC C S . n 
A 1 2 DC 2 2 2 DC C S . n 
A 1 3 DC 3 3 3 DC C S . n 
A 1 4 DT 4 4 4 DT T S . n 
A 1 5 DA 5 5 5 DA A S . n 
A 1 6 DG 6 6 6 DG G S . n 
A 1 7 DG 7 7 7 DG G S . n 
A 1 8 DG 8 8 8 DG G S . n 
# 
loop_
_pdbx_nonpoly_scheme.asym_id 
_pdbx_nonpoly_scheme.entity_id 
_pdbx_nonpoly_scheme.mon_id 
_pdbx_nonpoly_scheme.ndb_seq_num 
_pdbx_nonpoly_scheme.pdb_seq_num 
_pdbx_nonpoly_scheme.auth_seq_num 
_pdbx_nonpoly_scheme.pdb_mon_id 
_pdbx_nonpoly_scheme.auth_mon_id 
_pdbx_nonpoly_scheme.pdb_strand_id 
_pdbx_nonpoly_scheme.pdb_ins_code 
B 2 HOH 1  9  1  HOH HOH S . 
B 2 HOH 2  10 2  HOH HOH S . 
B 2 HOH 3  11 3  HOH HOH S . 
B 2 HOH 4  12 4  HOH HOH S . 
B 2 HOH 5  13 5  HOH HOH S . 
B 2 HOH 6  14 6  HOH HOH S . 
B 2 HOH 7  15 7  HOH HOH S . 
B 2 HOH 8  16 8  HOH HOH S . 
B 2 HOH 9  17 9  HOH HOH S . 
B 2 HOH 10 18 10 HOH HOH S . 
B 2 HOH 11 19 11 HOH HOH S . 
B 2 HOH 12 20 12 HOH HOH S . 
B 2 HOH 13 21 13 HOH HOH S . 
B 2 HOH 14 22 14 HOH HOH S . 
B 2 HOH 15 23 15 HOH HOH S . 
B 2 HOH 16 24 16 HOH HOH S . 
B 2 HOH 17 25 17 HOH HOH S . 
B 2 HOH 18 26 18 HOH HOH S . 
B 2 HOH 19 27 19 HOH HOH S . 
B 2 HOH 20 28 20 HOH HOH S . 
B 2 HOH 21 29 21 HOH HOH S . 
B 2 HOH 22 30 22 HOH HOH S . 
B 2 HOH 23 31 23 HOH HOH S . 
B 2 HOH 24 32 24 HOH HOH S . 
B 2 HOH 25 33 25 HOH HOH S . 
B 2 HOH 26 34 26 HOH HOH S . 
B 2 HOH 27 35 27 HOH HOH S . 
B 2 HOH 28 36 28 HOH HOH S . 
B 2 HOH 29 37 29 HOH HOH S . 
B 2 HOH 30 38 30 HOH HOH S . 
B 2 HOH 31 39 31 HOH HOH S . 
B 2 HOH 32 40 32 HOH HOH S . 
# 
loop_
_software.name 
_software.classification 
_software.version 
_software.citation_id 
_software.pdbx_ordinal 
REFMAC    refinement       5.2.0005 ? 1 
DENZO     'data reduction' .        ? 2 
SCALEPACK 'data scaling'   .        ? 3 
# 
_cell.entry_id           2A7E 
_cell.length_a           41.630 
_cell.length_b           41.630 
_cell.length_c           24.720 
_cell.angle_alpha        90.00 
_cell.angle_beta         90.00 
_cell.angle_gamma        90.00 
_cell.Z_PDB              8 
_cell.pdbx_unique_axis   ? 
# 
_symmetry.entry_id                         2A7E 
_symmetry.space_group_name_H-M             'P 43 21 2' 
_symmetry.pdbx_full_space_group_name_H-M   ? 
_symmetry.cell_setting                     ? 
_symmetry.Int_Tables_number                96 
_symmetry.space_group_name_Hall            ? 
# 
_exptl.entry_id          2A7E 
_exptl.method            'X-RAY DIFFRACTION' 
_exptl.crystals_number   1 
# 
_exptl_crystal.id                    1 
_exptl_crystal.density_meas          ? 
_exptl_crystal.density_Matthews      2.21 
_exptl_crystal.density_percent_sol   44.24 
_exptl_crystal.description           ? 
_exptl_crystal.F_000                 ? 
_exptl_crystal.preparation           ? 
# 
_diffrn.id                     1 
_diffrn.ambient_temp           100 
_diffrn.ambient_temp_details   ? 
_diffrn.crystal_id             1 
# 
_diffrn_radiation.diffrn_id                        1 
_diffrn_radiation.wavelength_id                    1 
_diffrn_radiation.pdbx_monochromatic_or_laue_m_l   M 
_diffrn_radiation.monochromator                    ? 
_diffrn_radiation.pdbx_diffrn_protocol             'SINGLE WAVELENGTH' 
_diffrn_radiation.pdbx_scattering_type             x-ray 
# 
_diffrn_radiation_wavelength.id           1 
_diffrn_radiation_wavelength.wavelength   0.80 
_diffrn_radiation_wavelength.wt           1.0 
# 
_diffrn_source.diffrn_id                   1 
_diffrn_source.source                      SYNCHROTRON 
_diffrn_source.type                        'ELETTRA BEAMLINE 5.2R' 
_diffrn_source.pdbx_synchrotron_site       ELETTRA 
_diffrn_source.pdbx_synchrotron_beamline   5.2R 
_diffrn_source.pdbx_wavelength             0.80 
_diffrn_source.pdbx_wavelength_list        ? 
# 
_reflns.entry_id                     2A7E 
_reflns.observed_criterion_sigma_I   ? 
_reflns.observed_criterion_sigma_F   ? 
_reflns.d_resolution_low             29.880 
_reflns.d_resolution_high            1.660 
_reflns.number_obs                   2742 
_reflns.number_all                   ? 
_reflns.percent_possible_obs         ? 
_reflns.pdbx_Rmerge_I_obs            ? 
_reflns.pdbx_Rsym_value              ? 
_reflns.pdbx_netI_over_sigmaI        ? 
_reflns.B_iso_Wilson_estimate        ? 
_reflns.pdbx_redundancy              ? 
_reflns.R_free_details               ? 
_reflns.pdbx_chi_squared             ? 
_reflns.pdbx_scaling_rejects         ? 
_reflns.pdbx_diffrn_id               1 
_reflns.pdbx_ordinal                 1 
# 
_refine.entry_id                                 2A7E 
_refine.ls_number_reflns_obs                     2742 
_refine.ls_number_reflns_all                     2791 
_refine.pdbx_ls_sigma_I                          ? 
_refine.pdbx_ls_sigma_F                          0.000 
_refine.pdbx_data_cutoff_high_absF               ? 
_refine.pdbx_data_cutoff_low_absF                ? 
_refine.pdbx_data_cutoff_high_rms_absF           ? 
_refine.ls_d_res_low                             29.88 
_refine.ls_d_res_high                            1.66 
_refine.ls_percent_reflns_obs                    99.9 
_refine.ls_R_factor_obs                          0.184 
_refine.ls_R_factor_all                          ? 
_refine.ls_R_factor_R_work                       0.183 
_refine.ls_R_factor_R_free                       0.197 
_refine.ls_R_factor_R_free_error                 ? 
_refine.ls_R_factor_R_free_error_details         ? 
_refine.ls_percent_reflns_R_free                 1.700 
_refine.ls_number_reflns_R_free                  48 
_refine.ls_number_parameters                     ? 
_refine.ls_number_restraints                     ? 
_refine.occupancy_min                            ? 
_refine.occupancy_max                            ? 
_refine.correlation_coeff_Fo_to_Fc               0.967 
_refine.correlation_coeff_Fo_to_Fc_free          0.961 
_refine.B_iso_mean                               17.83 
_refine.aniso_B[1][1]                            0.03000 
_refine.aniso_B[2][2]                            0.03000 
_refine.aniso_B[3][3]                            -0.06000 
_refine.aniso_B[1][2]                            0.00000 
_refine.aniso_B[1][3]                            0.00000 
_refine.aniso_B[2][3]                            0.00000 
_refine.solvent_model_details                    'BABINET MODEL WITH MASK' 
_refine.solvent_model_param_ksol                 ? 
_refine.solvent_model_param_bsol                 ? 
_refine.pdbx_solvent_vdw_probe_radii             1.20 
_refine.pdbx_solvent_ion_probe_radii             0.80 
_refine.pdbx_solvent_shrinkage_radii             0.80 
_refine.pdbx_ls_cross_valid_method               THROUGHOUT 
_refine.details                                  'HYDROGENS HAVE BEEN ADDED IN THE RIDING POSITIONS' 
_refine.pdbx_starting_model                      ? 
_refine.pdbx_method_to_determine_struct          'FOURIER SYNTHESIS' 
_refine.pdbx_isotropic_thermal_model             ? 
_refine.pdbx_stereochemistry_target_values       'MAXIMUM LIKELIHOOD' 
_refine.pdbx_stereochem_target_val_spec_case     ? 
_refine.pdbx_R_Free_selection_details            RANDOM 
_refine.pdbx_overall_ESU_R                       0.096 
_refine.pdbx_overall_ESU_R_Free                  0.087 
_refine.overall_SU_ML                            0.049 
_refine.overall_SU_B                             2.855 
_refine.ls_redundancy_reflns_obs                 ? 
_refine.overall_SU_R_Cruickshank_DPI             ? 
_refine.overall_SU_R_free                        ? 
_refine.ls_wR_factor_R_free                      ? 
_refine.ls_wR_factor_R_work                      ? 
_refine.overall_FOM_free_R_set                   ? 
_refine.overall_FOM_work_R_set                   ? 
_refine.pdbx_refine_id                           'X-RAY DIFFRACTION' 
_refine.pdbx_diffrn_id                           1 
_refine.pdbx_TLS_residual_ADP_flag               ? 
_refine.pdbx_overall_phase_error                 ? 
_refine.pdbx_overall_SU_R_free_Cruickshank_DPI   ? 
_refine.pdbx_overall_SU_R_Blow_DPI               ? 
_refine.pdbx_overall_SU_R_free_Blow_DPI          ? 
# 
_refine_hist.pdbx_refine_id                   'X-RAY DIFFRACTION' 
_refine_hist.cycle_id                         LAST 
_refine_hist.pdbx_number_atoms_protein        0 
_refine_hist.pdbx_number_atoms_nucleic_acid   161 
_refine_hist.pdbx_number_atoms_ligand         0 
_refine_hist.number_atoms_solvent             32 
_refine_hist.number_atoms_total               193 
_refine_hist.d_res_high                       1.66 
_refine_hist.d_res_low                        29.88 
# 
loop_
_refine_ls_restr.type 
_refine_ls_restr.dev_ideal 
_refine_ls_restr.dev_ideal_target 
_refine_ls_restr.weight 
_refine_ls_restr.number 
_refine_ls_restr.pdbx_refine_id 
_refine_ls_restr.pdbx_restraint_function 
r_bond_refined_d             0.011 0.021  ? 180 'X-RAY DIFFRACTION' ? 
r_bond_other_d               0.002 0.020  ? 76  'X-RAY DIFFRACTION' ? 
r_angle_refined_deg          1.831 3.000  ? 276 'X-RAY DIFFRACTION' ? 
r_angle_other_deg            1.520 3.000  ? 191 'X-RAY DIFFRACTION' ? 
r_dihedral_angle_1_deg       ?     ?      ? ?   'X-RAY DIFFRACTION' ? 
r_dihedral_angle_2_deg       ?     ?      ? ?   'X-RAY DIFFRACTION' ? 
r_dihedral_angle_3_deg       ?     ?      ? ?   'X-RAY DIFFRACTION' ? 
r_dihedral_angle_4_deg       ?     ?      ? ?   'X-RAY DIFFRACTION' ? 
r_chiral_restr               0.083 0.200  ? 31  'X-RAY DIFFRACTION' ? 
r_gen_planes_refined         0.016 0.020  ? 83  'X-RAY DIFFRACTION' ? 
r_gen_planes_other           ?     ?      ? ?   'X-RAY DIFFRACTION' ? 
r_nbd_refined                0.084 0.200  ? 14  'X-RAY DIFFRACTION' ? 
r_nbd_other                  0.169 0.200  ? 63  'X-RAY DIFFRACTION' ? 
r_nbtor_refined              0.269 0.200  ? 56  'X-RAY DIFFRACTION' ? 
r_nbtor_other                0.060 0.200  ? 34  'X-RAY DIFFRACTION' ? 
r_xyhbond_nbd_refined        0.230 0.200  ? 9   'X-RAY DIFFRACTION' ? 
r_xyhbond_nbd_other          ?     ?      ? ?   'X-RAY DIFFRACTION' ? 
r_metal_ion_refined          ?     ?      ? ?   'X-RAY DIFFRACTION' ? 
r_metal_ion_other            ?     ?      ? ?   'X-RAY DIFFRACTION' ? 
r_symmetry_vdw_refined       0.113 0.200  ? 8   'X-RAY DIFFRACTION' ? 
r_symmetry_vdw_other         0.299 0.200  ? 25  'X-RAY DIFFRACTION' ? 
r_symmetry_hbond_refined     0.188 0.200  ? 20  'X-RAY DIFFRACTION' ? 
r_symmetry_hbond_other       ?     ?      ? ?   'X-RAY DIFFRACTION' ? 
r_symmetry_metal_ion_refined ?     ?      ? ?   'X-RAY DIFFRACTION' ? 
r_symmetry_metal_ion_other   ?     ?      ? ?   'X-RAY DIFFRACTION' ? 
r_mcbond_it                  ?     ?      ? ?   'X-RAY DIFFRACTION' ? 
r_mcbond_other               ?     ?      ? ?   'X-RAY DIFFRACTION' ? 
r_mcangle_it                 ?     ?      ? ?   'X-RAY DIFFRACTION' ? 
r_scbond_it                  2.270 5.000  ? 263 'X-RAY DIFFRACTION' ? 
r_scangle_it                 3.266 10.000 ? 276 'X-RAY DIFFRACTION' ? 
r_rigid_bond_restr           ?     ?      ? ?   'X-RAY DIFFRACTION' ? 
r_sphericity_free            ?     ?      ? ?   'X-RAY DIFFRACTION' ? 
r_sphericity_bonded          ?     ?      ? ?   'X-RAY DIFFRACTION' ? 
# 
_refine_ls_shell.pdbx_total_number_of_bins_used   20 
_refine_ls_shell.d_res_high                       1.66 
_refine_ls_shell.d_res_low                        1.71 
_refine_ls_shell.number_reflns_R_work             186 
_refine_ls_shell.R_factor_R_work                  0.207 
_refine_ls_shell.percent_reflns_obs               100.00 
_refine_ls_shell.R_factor_R_free                  0.276 
_refine_ls_shell.R_factor_R_free_error            ? 
_refine_ls_shell.percent_reflns_R_free            ? 
_refine_ls_shell.number_reflns_R_free             3 
_refine_ls_shell.redundancy_reflns_obs            ? 
_refine_ls_shell.pdbx_refine_id                   'X-RAY DIFFRACTION' 
_refine_ls_shell.number_reflns_all                ? 
_refine_ls_shell.R_factor_all                     ? 
# 
_struct.entry_id                  2A7E 
_struct.title                     
'On the Routine Use of Soft X-Rays in Macromolecular Crystallography, Part III- The Optimal Data Collection Wavelength' 
_struct.pdbx_model_details        ? 
_struct.pdbx_CASP_flag            ? 
_struct.pdbx_model_type_details   ? 
# 
_struct_keywords.entry_id        2A7E 
_struct_keywords.pdbx_keywords   DNA 
_struct_keywords.text            'A-DNA, DOUBLE HELIX, DNA' 
# 
loop_
_struct_asym.id 
_struct_asym.pdbx_blank_PDB_chainid_flag 
_struct_asym.pdbx_modified 
_struct_asym.entity_id 
_struct_asym.details 
A N N 1 ? 
B N N 2 ? 
# 
_struct_ref.id                         1 
_struct_ref.entity_id                  1 
_struct_ref.db_name                    PDB 
_struct_ref.db_code                    2A7E 
_struct_ref.pdbx_db_accession          2A7E 
_struct_ref.pdbx_db_isoform            ? 
_struct_ref.pdbx_seq_one_letter_code   ? 
_struct_ref.pdbx_align_begin           ? 
# 
_struct_ref_seq.align_id                      1 
_struct_ref_seq.ref_id                        1 
_struct_ref_seq.pdbx_PDB_id_code              2A7E 
_struct_ref_seq.pdbx_strand_id                S 
_struct_ref_seq.seq_align_beg                 1 
_struct_ref_seq.pdbx_seq_align_beg_ins_code   ? 
_struct_ref_seq.seq_align_end                 8 
_struct_ref_seq.pdbx_seq_align_end_ins_code   ? 
_struct_ref_seq.pdbx_db_accession             2A7E 
_struct_ref_seq.db_align_beg                  1 
_struct_ref_seq.pdbx_db_align_beg_ins_code    ? 
_struct_ref_seq.db_align_end                  8 
_struct_ref_seq.pdbx_db_align_end_ins_code    ? 
_struct_ref_seq.pdbx_auth_seq_align_beg       1 
_struct_ref_seq.pdbx_auth_seq_align_end       8 
# 
_pdbx_struct_assembly.id                   1 
_pdbx_struct_assembly.details              author_defined_assembly 
_pdbx_struct_assembly.method_details       ? 
_pdbx_struct_assembly.oligomeric_details   dimeric 
_pdbx_struct_assembly.oligomeric_count     2 
# 
_pdbx_struct_assembly_gen.assembly_id       1 
_pdbx_struct_assembly_gen.oper_expression   1,2 
_pdbx_struct_assembly_gen.asym_id_list      A,B 
# 
loop_
_pdbx_struct_oper_list.id 
_pdbx_struct_oper_list.type 
_pdbx_struct_oper_list.name 
_pdbx_struct_oper_list.symmetry_operation 
_pdbx_struct_oper_list.matrix[1][1] 
_pdbx_struct_oper_list.matrix[1][2] 
_pdbx_struct_oper_list.matrix[1][3] 
_pdbx_struct_oper_list.vector[1] 
_pdbx_struct_oper_list.matrix[2][1] 
_pdbx_struct_oper_list.matrix[2][2] 
_pdbx_struct_oper_list.matrix[2][3] 
_pdbx_struct_oper_list.vector[2] 
_pdbx_struct_oper_list.matrix[3][1] 
_pdbx_struct_oper_list.matrix[3][2] 
_pdbx_struct_oper_list.matrix[3][3] 
_pdbx_struct_oper_list.vector[3] 
1 'identity operation'         1_555 x,y,z  1.0000000000  0.0000000000  0.0000000000 0.0000000000 0.0000000000  1.0000000000  0.0000000000  0.0000000000 0.0000000000 0.0000000000  1.0000000000  0.0000000000 
2 'crystal symmetry operation' 7_555 y,x,-z -0.1278513231 -0.8037768449 0.5810308278 2.7884731470 -0.8037768449 -0.2592349981 -0.5354810916 3.1509600395 0.5810308278 -0.5354810916 -0.6129136788 0.1733222202 
# 
_struct_biol.id                    1 
_struct_biol.pdbx_parent_biol_id   ? 
_struct_biol.details               ? 
# 
loop_
_struct_conn.id 
_struct_conn.conn_type_id 
_struct_conn.pdbx_leaving_atom_flag 
_struct_conn.pdbx_PDB_id 
_struct_conn.ptnr1_label_asym_id 
_struct_conn.ptnr1_label_comp_id 
_struct_conn.ptnr1_label_seq_id 
_struct_conn.ptnr1_label_atom_id 
_struct_conn.pdbx_ptnr1_label_alt_id 
_struct_conn.pdbx_ptnr1_PDB_ins_code 
_struct_conn.pdbx_ptnr1_standard_comp_id 
_struct_conn.ptnr1_symmetry 
_struct_conn.ptnr2_label_asym_id 
_struct_conn.ptnr2_label_comp_id 
_struct_conn.ptnr2_label_seq_id 
_struct_conn.ptnr2_label_atom_id 
_struct_conn.pdbx_ptnr2_label_alt_id 
_struct_conn.pdbx_ptnr2_PDB_ins_code 
_struct_conn.ptnr1_auth_asym_id 
_struct_conn.ptnr1_auth_comp_id 
_struct_conn.ptnr1_auth_seq_id 
_struct_conn.ptnr2_auth_asym_id 
_struct_conn.ptnr2_auth_comp_id 
_struct_conn.ptnr2_auth_seq_id 
_struct_conn.ptnr2_symmetry 
_struct_conn.pdbx_ptnr3_label_atom_id 
_struct_conn.pdbx_ptnr3_label_seq_id 
_struct_conn.pdbx_ptnr3_label_comp_id 
_struct_conn.pdbx_ptnr3_label_asym_id 
_struct_conn.pdbx_ptnr3_label_alt_id 
_struct_conn.pdbx_ptnr3_PDB_ins_code 
_struct_conn.details 
_struct_conn.pdbx_dist_value 
_struct_conn.pdbx_value_order 
_struct_conn.pdbx_role 
hydrog1  hydrog ? ? A DC 1 N3 ? ? ? 1_555 A DG 8 N1 ? ? S DC 1 S DG 8 7_555 ? ? ? ? ? ? WATSON-CRICK ? ? ? 
hydrog2  hydrog ? ? A DC 1 N4 ? ? ? 1_555 A DG 8 O6 ? ? S DC 1 S DG 8 7_555 ? ? ? ? ? ? WATSON-CRICK ? ? ? 
hydrog3  hydrog ? ? A DC 1 O2 ? ? ? 1_555 A DG 8 N2 ? ? S DC 1 S DG 8 7_555 ? ? ? ? ? ? WATSON-CRICK ? ? ? 
hydrog4  hydrog ? ? A DC 2 N3 ? ? ? 1_555 A DG 7 N1 ? ? S DC 2 S DG 7 7_555 ? ? ? ? ? ? WATSON-CRICK ? ? ? 
hydrog5  hydrog ? ? A DC 2 N4 ? ? ? 1_555 A DG 7 O6 ? ? S DC 2 S DG 7 7_555 ? ? ? ? ? ? WATSON-CRICK ? ? ? 
hydrog6  hydrog ? ? A DC 2 O2 ? ? ? 1_555 A DG 7 N2 ? ? S DC 2 S DG 7 7_555 ? ? ? ? ? ? WATSON-CRICK ? ? ? 
hydrog7  hydrog ? ? A DC 3 N3 ? ? ? 1_555 A DG 6 N1 ? ? S DC 3 S DG 6 7_555 ? ? ? ? ? ? WATSON-CRICK ? ? ? 
hydrog8  hydrog ? ? A DC 3 N4 ? ? ? 1_555 A DG 6 O6 ? ? S DC 3 S DG 6 7_555 ? ? ? ? ? ? WATSON-CRICK ? ? ? 
hydrog9  hydrog ? ? A DC 3 O2 ? ? ? 1_555 A DG 6 N2 ? ? S DC 3 S DG 6 7_555 ? ? ? ? ? ? WATSON-CRICK ? ? ? 
hydrog10 hydrog ? ? A DT 4 N3 ? ? ? 1_555 A DA 5 N1 ? ? S DT 4 S DA 5 7_555 ? ? ? ? ? ? WATSON-CRICK ? ? ? 
hydrog11 hydrog ? ? A DT 4 O4 ? ? ? 1_555 A DA 5 N6 ? ? S DT 4 S DA 5 7_555 ? ? ? ? ? ? WATSON-CRICK ? ? ? 
hydrog12 hydrog ? ? A DA 5 N1 ? ? ? 1_555 A DT 4 N3 ? ? S DA 5 S DT 4 7_555 ? ? ? ? ? ? WATSON-CRICK ? ? ? 
hydrog13 hydrog ? ? A DA 5 N6 ? ? ? 1_555 A DT 4 O4 ? ? S DA 5 S DT 4 7_555 ? ? ? ? ? ? WATSON-CRICK ? ? ? 
hydrog14 hydrog ? ? A DG 6 N1 ? ? ? 1_555 A DC 3 N3 ? ? S DG 6 S DC 3 7_555 ? ? ? ? ? ? WATSON-CRICK ? ? ? 
hydrog15 hydrog ? ? A DG 6 N2 ? ? ? 1_555 A DC 3 O2 ? ? S DG 6 S DC 3 7_555 ? ? ? ? ? ? WATSON-CRICK ? ? ? 
hydrog16 hydrog ? ? A DG 6 O6 ? ? ? 1_555 A DC 3 N4 ? ? S DG 6 S DC 3 7_555 ? ? ? ? ? ? WATSON-CRICK ? ? ? 
hydrog17 hydrog ? ? A DG 7 N1 ? ? ? 1_555 A DC 2 N3 ? ? S DG 7 S DC 2 7_555 ? ? ? ? ? ? WATSON-CRICK ? ? ? 
hydrog18 hydrog ? ? A DG 7 N2 ? ? ? 1_555 A DC 2 O2 ? ? S DG 7 S DC 2 7_555 ? ? ? ? ? ? WATSON-CRICK ? ? ? 
hydrog19 hydrog ? ? A DG 7 O6 ? ? ? 1_555 A DC 2 N4 ? ? S DG 7 S DC 2 7_555 ? ? ? ? ? ? WATSON-CRICK ? ? ? 
hydrog20 hydrog ? ? A DG 8 N1 ? ? ? 1_555 A DC 1 N3 ? ? S DG 8 S DC 1 7_555 ? ? ? ? ? ? WATSON-CRICK ? ? ? 
hydrog21 hydrog ? ? A DG 8 N2 ? ? ? 1_555 A DC 1 O2 ? ? S DG 8 S DC 1 7_555 ? ? ? ? ? ? WATSON-CRICK ? ? ? 
hydrog22 hydrog ? ? A DG 8 O6 ? ? ? 1_555 A DC 1 N4 ? ? S DG 8 S DC 1 7_555 ? ? ? ? ? ? WATSON-CRICK ? ? ? 
# 
_struct_conn_type.id          hydrog 
_struct_conn_type.criteria    ? 
_struct_conn_type.reference   ? 
# 
_pdbx_validate_symm_contact.id                1 
_pdbx_validate_symm_contact.PDB_model_num     1 
_pdbx_validate_symm_contact.auth_atom_id_1    O 
_pdbx_validate_symm_contact.auth_asym_id_1    S 
_pdbx_validate_symm_contact.auth_comp_id_1    HOH 
_pdbx_validate_symm_contact.auth_seq_id_1     14 
_pdbx_validate_symm_contact.PDB_ins_code_1    ? 
_pdbx_validate_symm_contact.label_alt_id_1    ? 
_pdbx_validate_symm_contact.site_symmetry_1   1_555 
_pdbx_validate_symm_contact.auth_atom_id_2    O 
_pdbx_validate_symm_contact.auth_asym_id_2    S 
_pdbx_validate_symm_contact.auth_comp_id_2    HOH 
_pdbx_validate_symm_contact.auth_seq_id_2     29 
_pdbx_validate_symm_contact.PDB_ins_code_2    ? 
_pdbx_validate_symm_contact.label_alt_id_2    ? 
_pdbx_validate_symm_contact.site_symmetry_2   7_555 
_pdbx_validate_symm_contact.dist              2.06 
# 
loop_
_pdbx_validate_rmsd_angle.id 
_pdbx_validate_rmsd_angle.PDB_model_num 
_pdbx_validate_rmsd_angle.auth_atom_id_1 
_pdbx_validate_rmsd_angle.auth_asym_id_1 
_pdbx_validate_rmsd_angle.auth_comp_id_1 
_pdbx_validate_rmsd_angle.auth_seq_id_1 
_pdbx_validate_rmsd_angle.PDB_ins_code_1 
_pdbx_validate_rmsd_angle.label_alt_id_1 
_pdbx_validate_rmsd_angle.auth_atom_id_2 
_pdbx_validate_rmsd_angle.auth_asym_id_2 
_pdbx_validate_rmsd_angle.auth_comp_id_2 
_pdbx_validate_rmsd_angle.auth_seq_id_2 
_pdbx_validate_rmsd_angle.PDB_ins_code_2 
_pdbx_validate_rmsd_angle.label_alt_id_2 
_pdbx_validate_rmsd_angle.auth_atom_id_3 
_pdbx_validate_rmsd_angle.auth_asym_id_3 
_pdbx_validate_rmsd_angle.auth_comp_id_3 
_pdbx_validate_rmsd_angle.auth_seq_id_3 
_pdbx_validate_rmsd_angle.PDB_ins_code_3 
_pdbx_validate_rmsd_angle.label_alt_id_3 
_pdbx_validate_rmsd_angle.angle_value 
_pdbx_validate_rmsd_angle.angle_target_value 
_pdbx_validate_rmsd_angle.angle_deviation 
_pdbx_validate_rmsd_angle.angle_standard_deviation 
_pdbx_validate_rmsd_angle.linker_flag 
1 1 "O4'" S DC 3 ? ? "C1'" S DC 3 ? ? N1 S DC 3 ? ? 110.20 108.30 1.90 0.30 N 
2 1 N7    S DG 8 ? ? C8    S DG 8 ? ? N9 S DG 8 ? ? 116.28 113.10 3.18 0.50 N 
# 
loop_
_chem_comp_atom.comp_id 
_chem_comp_atom.atom_id 
_chem_comp_atom.type_symbol 
_chem_comp_atom.pdbx_aromatic_flag 
_chem_comp_atom.pdbx_stereo_config 
_chem_comp_atom.pdbx_ordinal 
DA  OP3    O N N 1   
DA  P      P N N 2   
DA  OP1    O N N 3   
DA  OP2    O N N 4   
DA  "O5'"  O N N 5   
DA  "C5'"  C N N 6   
DA  "C4'"  C N R 7   
DA  "O4'"  O N N 8   
DA  "C3'"  C N S 9   
DA  "O3'"  O N N 10  
DA  "C2'"  C N N 11  
DA  "C1'"  C N R 12  
DA  N9     N Y N 13  
DA  C8     C Y N 14  
DA  N7     N Y N 15  
DA  C5     C Y N 16  
DA  C6     C Y N 17  
DA  N6     N N N 18  
DA  N1     N Y N 19  
DA  C2     C Y N 20  
DA  N3     N Y N 21  
DA  C4     C Y N 22  
DA  HOP3   H N N 23  
DA  HOP2   H N N 24  
DA  "H5'"  H N N 25  
DA  "H5''" H N N 26  
DA  "H4'"  H N N 27  
DA  "H3'"  H N N 28  
DA  "HO3'" H N N 29  
DA  "H2'"  H N N 30  
DA  "H2''" H N N 31  
DA  "H1'"  H N N 32  
DA  H8     H N N 33  
DA  H61    H N N 34  
DA  H62    H N N 35  
DA  H2     H N N 36  
DC  OP3    O N N 37  
DC  P      P N N 38  
DC  OP1    O N N 39  
DC  OP2    O N N 40  
DC  "O5'"  O N N 41  
DC  "C5'"  C N N 42  
DC  "C4'"  C N R 43  
DC  "O4'"  O N N 44  
DC  "C3'"  C N S 45  
DC  "O3'"  O N N 46  
DC  "C2'"  C N N 47  
DC  "C1'"  C N R 48  
DC  N1     N N N 49  
DC  C2     C N N 50  
DC  O2     O N N 51  
DC  N3     N N N 52  
DC  C4     C N N 53  
DC  N4     N N N 54  
DC  C5     C N N 55  
DC  C6     C N N 56  
DC  HOP3   H N N 57  
DC  HOP2   H N N 58  
DC  "H5'"  H N N 59  
DC  "H5''" H N N 60  
DC  "H4'"  H N N 61  
DC  "H3'"  H N N 62  
DC  "HO3'" H N N 63  
DC  "H2'"  H N N 64  
DC  "H2''" H N N 65  
DC  "H1'"  H N N 66  
DC  H41    H N N 67  
DC  H42    H N N 68  
DC  H5     H N N 69  
DC  H6     H N N 70  
DG  OP3    O N N 71  
DG  P      P N N 72  
DG  OP1    O N N 73  
DG  OP2    O N N 74  
DG  "O5'"  O N N 75  
DG  "C5'"  C N N 76  
DG  "C4'"  C N R 77  
DG  "O4'"  O N N 78  
DG  "C3'"  C N S 79  
DG  "O3'"  O N N 80  
DG  "C2'"  C N N 81  
DG  "C1'"  C N R 82  
DG  N9     N Y N 83  
DG  C8     C Y N 84  
DG  N7     N Y N 85  
DG  C5     C Y N 86  
DG  C6     C N N 87  
DG  O6     O N N 88  
DG  N1     N N N 89  
DG  C2     C N N 90  
DG  N2     N N N 91  
DG  N3     N N N 92  
DG  C4     C Y N 93  
DG  HOP3   H N N 94  
DG  HOP2   H N N 95  
DG  "H5'"  H N N 96  
DG  "H5''" H N N 97  
DG  "H4'"  H N N 98  
DG  "H3'"  H N N 99  
DG  "HO3'" H N N 100 
DG  "H2'"  H N N 101 
DG  "H2''" H N N 102 
DG  "H1'"  H N N 103 
DG  H8     H N N 104 
DG  H1     H N N 105 
DG  H21    H N N 106 
DG  H22    H N N 107 
DT  OP3    O N N 108 
DT  P      P N N 109 
DT  OP1    O N N 110 
DT  OP2    O N N 111 
DT  "O5'"  O N N 112 
DT  "C5'"  C N N 113 
DT  "C4'"  C N R 114 
DT  "O4'"  O N N 115 
DT  "C3'"  C N S 116 
DT  "O3'"  O N N 117 
DT  "C2'"  C N N 118 
DT  "C1'"  C N R 119 
DT  N1     N N N 120 
DT  C2     C N N 121 
DT  O2     O N N 122 
DT  N3     N N N 123 
DT  C4     C N N 124 
DT  O4     O N N 125 
DT  C5     C N N 126 
DT  C7     C N N 127 
DT  C6     C N N 128 
DT  HOP3   H N N 129 
DT  HOP2   H N N 130 
DT  "H5'"  H N N 131 
DT  "H5''" H N N 132 
DT  "H4'"  H N N 133 
DT  "H3'"  H N N 134 
DT  "HO3'" H N N 135 
DT  "H2'"  H N N 136 
DT  "H2''" H N N 137 
DT  "H1'"  H N N 138 
DT  H3     H N N 139 
DT  H71    H N N 140 
DT  H72    H N N 141 
DT  H73    H N N 142 
DT  H6     H N N 143 
HOH O      O N N 144 
HOH H1     H N N 145 
HOH H2     H N N 146 
# 
loop_
_chem_comp_bond.comp_id 
_chem_comp_bond.atom_id_1 
_chem_comp_bond.atom_id_2 
_chem_comp_bond.value_order 
_chem_comp_bond.pdbx_aromatic_flag 
_chem_comp_bond.pdbx_stereo_config 
_chem_comp_bond.pdbx_ordinal 
DA  OP3   P      sing N N 1   
DA  OP3   HOP3   sing N N 2   
DA  P     OP1    doub N N 3   
DA  P     OP2    sing N N 4   
DA  P     "O5'"  sing N N 5   
DA  OP2   HOP2   sing N N 6   
DA  "O5'" "C5'"  sing N N 7   
DA  "C5'" "C4'"  sing N N 8   
DA  "C5'" "H5'"  sing N N 9   
DA  "C5'" "H5''" sing N N 10  
DA  "C4'" "O4'"  sing N N 11  
DA  "C4'" "C3'"  sing N N 12  
DA  "C4'" "H4'"  sing N N 13  
DA  "O4'" "C1'"  sing N N 14  
DA  "C3'" "O3'"  sing N N 15  
DA  "C3'" "C2'"  sing N N 16  
DA  "C3'" "H3'"  sing N N 17  
DA  "O3'" "HO3'" sing N N 18  
DA  "C2'" "C1'"  sing N N 19  
DA  "C2'" "H2'"  sing N N 20  
DA  "C2'" "H2''" sing N N 21  
DA  "C1'" N9     sing N N 22  
DA  "C1'" "H1'"  sing N N 23  
DA  N9    C8     sing Y N 24  
DA  N9    C4     sing Y N 25  
DA  C8    N7     doub Y N 26  
DA  C8    H8     sing N N 27  
DA  N7    C5     sing Y N 28  
DA  C5    C6     sing Y N 29  
DA  C5    C4     doub Y N 30  
DA  C6    N6     sing N N 31  
DA  C6    N1     doub Y N 32  
DA  N6    H61    sing N N 33  
DA  N6    H62    sing N N 34  
DA  N1    C2     sing Y N 35  
DA  C2    N3     doub Y N 36  
DA  C2    H2     sing N N 37  
DA  N3    C4     sing Y N 38  
DC  OP3   P      sing N N 39  
DC  OP3   HOP3   sing N N 40  
DC  P     OP1    doub N N 41  
DC  P     OP2    sing N N 42  
DC  P     "O5'"  sing N N 43  
DC  OP2   HOP2   sing N N 44  
DC  "O5'" "C5'"  sing N N 45  
DC  "C5'" "C4'"  sing N N 46  
DC  "C5'" "H5'"  sing N N 47  
DC  "C5'" "H5''" sing N N 48  
DC  "C4'" "O4'"  sing N N 49  
DC  "C4'" "C3'"  sing N N 50  
DC  "C4'" "H4'"  sing N N 51  
DC  "O4'" "C1'"  sing N N 52  
DC  "C3'" "O3'"  sing N N 53  
DC  "C3'" "C2'"  sing N N 54  
DC  "C3'" "H3'"  sing N N 55  
DC  "O3'" "HO3'" sing N N 56  
DC  "C2'" "C1'"  sing N N 57  
DC  "C2'" "H2'"  sing N N 58  
DC  "C2'" "H2''" sing N N 59  
DC  "C1'" N1     sing N N 60  
DC  "C1'" "H1'"  sing N N 61  
DC  N1    C2     sing N N 62  
DC  N1    C6     sing N N 63  
DC  C2    O2     doub N N 64  
DC  C2    N3     sing N N 65  
DC  N3    C4     doub N N 66  
DC  C4    N4     sing N N 67  
DC  C4    C5     sing N N 68  
DC  N4    H41    sing N N 69  
DC  N4    H42    sing N N 70  
DC  C5    C6     doub N N 71  
DC  C5    H5     sing N N 72  
DC  C6    H6     sing N N 73  
DG  OP3   P      sing N N 74  
DG  OP3   HOP3   sing N N 75  
DG  P     OP1    doub N N 76  
DG  P     OP2    sing N N 77  
DG  P     "O5'"  sing N N 78  
DG  OP2   HOP2   sing N N 79  
DG  "O5'" "C5'"  sing N N 80  
DG  "C5'" "C4'"  sing N N 81  
DG  "C5'" "H5'"  sing N N 82  
DG  "C5'" "H5''" sing N N 83  
DG  "C4'" "O4'"  sing N N 84  
DG  "C4'" "C3'"  sing N N 85  
DG  "C4'" "H4'"  sing N N 86  
DG  "O4'" "C1'"  sing N N 87  
DG  "C3'" "O3'"  sing N N 88  
DG  "C3'" "C2'"  sing N N 89  
DG  "C3'" "H3'"  sing N N 90  
DG  "O3'" "HO3'" sing N N 91  
DG  "C2'" "C1'"  sing N N 92  
DG  "C2'" "H2'"  sing N N 93  
DG  "C2'" "H2''" sing N N 94  
DG  "C1'" N9     sing N N 95  
DG  "C1'" "H1'"  sing N N 96  
DG  N9    C8     sing Y N 97  
DG  N9    C4     sing Y N 98  
DG  C8    N7     doub Y N 99  
DG  C8    H8     sing N N 100 
DG  N7    C5     sing Y N 101 
DG  C5    C6     sing N N 102 
DG  C5    C4     doub Y N 103 
DG  C6    O6     doub N N 104 
DG  C6    N1     sing N N 105 
DG  N1    C2     sing N N 106 
DG  N1    H1     sing N N 107 
DG  C2    N2     sing N N 108 
DG  C2    N3     doub N N 109 
DG  N2    H21    sing N N 110 
DG  N2    H22    sing N N 111 
DG  N3    C4     sing N N 112 
DT  OP3   P      sing N N 113 
DT  OP3   HOP3   sing N N 114 
DT  P     OP1    doub N N 115 
DT  P     OP2    sing N N 116 
DT  P     "O5'"  sing N N 117 
DT  OP2   HOP2   sing N N 118 
DT  "O5'" "C5'"  sing N N 119 
DT  "C5'" "C4'"  sing N N 120 
DT  "C5'" "H5'"  sing N N 121 
DT  "C5'" "H5''" sing N N 122 
DT  "C4'" "O4'"  sing N N 123 
DT  "C4'" "C3'"  sing N N 124 
DT  "C4'" "H4'"  sing N N 125 
DT  "O4'" "C1'"  sing N N 126 
DT  "C3'" "O3'"  sing N N 127 
DT  "C3'" "C2'"  sing N N 128 
DT  "C3'" "H3'"  sing N N 129 
DT  "O3'" "HO3'" sing N N 130 
DT  "C2'" "C1'"  sing N N 131 
DT  "C2'" "H2'"  sing N N 132 
DT  "C2'" "H2''" sing N N 133 
DT  "C1'" N1     sing N N 134 
DT  "C1'" "H1'"  sing N N 135 
DT  N1    C2     sing N N 136 
DT  N1    C6     sing N N 137 
DT  C2    O2     doub N N 138 
DT  C2    N3     sing N N 139 
DT  N3    C4     sing N N 140 
DT  N3    H3     sing N N 141 
DT  C4    O4     doub N N 142 
DT  C4    C5     sing N N 143 
DT  C5    C7     sing N N 144 
DT  C5    C6     doub N N 145 
DT  C7    H71    sing N N 146 
DT  C7    H72    sing N N 147 
DT  C7    H73    sing N N 148 
DT  C6    H6     sing N N 149 
HOH O     H1     sing N N 150 
HOH O     H2     sing N N 151 
# 
_ndb_struct_conf_na.entry_id   2A7E 
_ndb_struct_conf_na.feature    'a-form double helix' 
# 
loop_
_ndb_struct_na_base_pair.model_number 
_ndb_struct_na_base_pair.i_label_asym_id 
_ndb_struct_na_base_pair.i_label_comp_id 
_ndb_struct_na_base_pair.i_label_seq_id 
_ndb_struct_na_base_pair.i_symmetry 
_ndb_struct_na_base_pair.j_label_asym_id 
_ndb_struct_na_base_pair.j_label_comp_id 
_ndb_struct_na_base_pair.j_label_seq_id 
_ndb_struct_na_base_pair.j_symmetry 
_ndb_struct_na_base_pair.shear 
_ndb_struct_na_base_pair.stretch 
_ndb_struct_na_base_pair.stagger 
_ndb_struct_na_base_pair.buckle 
_ndb_struct_na_base_pair.propeller 
_ndb_struct_na_base_pair.opening 
_ndb_struct_na_base_pair.pair_number 
_ndb_struct_na_base_pair.pair_name 
_ndb_struct_na_base_pair.i_auth_asym_id 
_ndb_struct_na_base_pair.i_auth_seq_id 
_ndb_struct_na_base_pair.i_PDB_ins_code 
_ndb_struct_na_base_pair.j_auth_asym_id 
_ndb_struct_na_base_pair.j_auth_seq_id 
_ndb_struct_na_base_pair.j_PDB_ins_code 
_ndb_struct_na_base_pair.hbond_type_28 
_ndb_struct_na_base_pair.hbond_type_12 
1 A DC 1 1_555 A DG 8 7_555 0.286  -0.190 -0.165 7.351   -11.150 -1.958 1 S_DC1:DG8_S S 1 ? S 8 ? 19 1 
1 A DC 2 1_555 A DG 7 7_555 0.264  -0.156 0.050  10.795  -15.207 0.769  2 S_DC2:DG7_S S 2 ? S 7 ? 19 1 
1 A DC 3 1_555 A DG 6 7_555 0.223  -0.183 0.111  0.212   -17.021 0.749  3 S_DC3:DG6_S S 3 ? S 6 ? 19 1 
1 A DT 4 1_555 A DA 5 7_555 -0.012 -0.147 0.362  -4.409  -9.730  -2.731 4 S_DT4:DA5_S S 4 ? S 5 ? 20 1 
1 A DA 5 1_555 A DT 4 7_555 0.012  -0.147 0.362  4.409   -9.730  -2.731 5 S_DA5:DT4_S S 5 ? S 4 ? 20 1 
1 A DG 6 1_555 A DC 3 7_555 -0.223 -0.183 0.111  -0.212  -17.021 0.749  6 S_DG6:DC3_S S 6 ? S 3 ? 19 1 
1 A DG 7 1_555 A DC 2 7_555 -0.264 -0.156 0.050  -10.795 -15.207 0.769  7 S_DG7:DC2_S S 7 ? S 2 ? 19 1 
1 A DG 8 1_555 A DC 1 7_555 -0.286 -0.190 -0.165 -7.351  -11.150 -1.958 8 S_DG8:DC1_S S 8 ? S 1 ? 19 1 
# 
loop_
_ndb_struct_na_base_pair_step.model_number 
_ndb_struct_na_base_pair_step.i_label_asym_id_1 
_ndb_struct_na_base_pair_step.i_label_comp_id_1 
_ndb_struct_na_base_pair_step.i_label_seq_id_1 
_ndb_struct_na_base_pair_step.i_symmetry_1 
_ndb_struct_na_base_pair_step.j_label_asym_id_1 
_ndb_struct_na_base_pair_step.j_label_comp_id_1 
_ndb_struct_na_base_pair_step.j_label_seq_id_1 
_ndb_struct_na_base_pair_step.j_symmetry_1 
_ndb_struct_na_base_pair_step.i_label_asym_id_2 
_ndb_struct_na_base_pair_step.i_label_comp_id_2 
_ndb_struct_na_base_pair_step.i_label_seq_id_2 
_ndb_struct_na_base_pair_step.i_symmetry_2 
_ndb_struct_na_base_pair_step.j_label_asym_id_2 
_ndb_struct_na_base_pair_step.j_label_comp_id_2 
_ndb_struct_na_base_pair_step.j_label_seq_id_2 
_ndb_struct_na_base_pair_step.j_symmetry_2 
_ndb_struct_na_base_pair_step.shift 
_ndb_struct_na_base_pair_step.slide 
_ndb_struct_na_base_pair_step.rise 
_ndb_struct_na_base_pair_step.tilt 
_ndb_struct_na_base_pair_step.roll 
_ndb_struct_na_base_pair_step.twist 
_ndb_struct_na_base_pair_step.x_displacement 
_ndb_struct_na_base_pair_step.y_displacement 
_ndb_struct_na_base_pair_step.helical_rise 
_ndb_struct_na_base_pair_step.inclination 
_ndb_struct_na_base_pair_step.tip 
_ndb_struct_na_base_pair_step.helical_twist 
_ndb_struct_na_base_pair_step.step_number 
_ndb_struct_na_base_pair_step.step_name 
_ndb_struct_na_base_pair_step.i_auth_asym_id_1 
_ndb_struct_na_base_pair_step.i_auth_seq_id_1 
_ndb_struct_na_base_pair_step.i_PDB_ins_code_1 
_ndb_struct_na_base_pair_step.j_auth_asym_id_1 
_ndb_struct_na_base_pair_step.j_auth_seq_id_1 
_ndb_struct_na_base_pair_step.j_PDB_ins_code_1 
_ndb_struct_na_base_pair_step.i_auth_asym_id_2 
_ndb_struct_na_base_pair_step.i_auth_seq_id_2 
_ndb_struct_na_base_pair_step.i_PDB_ins_code_2 
_ndb_struct_na_base_pair_step.j_auth_asym_id_2 
_ndb_struct_na_base_pair_step.j_auth_seq_id_2 
_ndb_struct_na_base_pair_step.j_PDB_ins_code_2 
1 A DC 1 1_555 A DG 8 7_555 A DC 2 1_555 A DG 7 7_555 0.683  -1.360 3.204 -1.380 7.341 36.717 -3.022 -1.234 2.863 11.507 2.164  
37.443 1 SS_DC1DC2:DG7DG8_SS S 1 ? S 8 ? S 2 ? S 7 ? 
1 A DC 2 1_555 A DG 7 7_555 A DC 3 1_555 A DG 6 7_555 -0.614 -2.016 3.438 -2.396 7.939 29.804 -5.292 0.696  2.858 15.072 4.549  
30.911 2 SS_DC2DC3:DG6DG7_SS S 2 ? S 7 ? S 3 ? S 6 ? 
1 A DC 3 1_555 A DG 6 7_555 A DT 4 1_555 A DA 5 7_555 -0.241 -1.243 3.397 -0.908 3.642 35.809 -2.540 0.258  3.264 5.903  1.472  
35.999 3 SS_DC3DT4:DA5DG6_SS S 3 ? S 6 ? S 4 ? S 5 ? 
1 A DT 4 1_555 A DA 5 7_555 A DA 5 1_555 A DT 4 7_555 0.000  -1.489 2.978 0.000  3.111 27.429 -3.792 0.000  2.795 6.533  0.000  
27.602 4 SS_DT4DA5:DT4DA5_SS S 4 ? S 5 ? S 5 ? S 4 ? 
1 A DA 5 1_555 A DT 4 7_555 A DG 6 1_555 A DC 3 7_555 0.241  -1.243 3.397 0.908  3.642 35.809 -2.540 -0.258 3.264 5.903  -1.472 
35.999 5 SS_DA5DG6:DC3DT4_SS S 5 ? S 4 ? S 6 ? S 3 ? 
1 A DG 6 1_555 A DC 3 7_555 A DG 7 1_555 A DC 2 7_555 0.614  -2.016 3.438 2.396  7.939 29.804 -5.292 -0.696 2.858 15.072 -4.549 
30.911 6 SS_DG6DG7:DC2DC3_SS S 6 ? S 3 ? S 7 ? S 2 ? 
1 A DG 7 1_555 A DC 2 7_555 A DG 8 1_555 A DC 1 7_555 -0.683 -1.360 3.204 1.380  7.341 36.717 -3.022 1.234  2.863 11.507 -2.164 
37.443 7 SS_DG7DG8:DC1DC2_SS S 7 ? S 2 ? S 8 ? S 1 ? 
# 
_atom_sites.entry_id                    2A7E 
_atom_sites.fract_transf_matrix[1][1]   -0.01790780 
_atom_sites.fract_transf_matrix[1][2]   0.01404006 
_atom_sites.fract_transf_matrix[1][3]   0.00769389 
_atom_sites.fract_transf_matrix[2][1]   -0.00452515 
_atom_sites.fract_transf_matrix[2][2]   0.00663427 
_atom_sites.fract_transf_matrix[2][3]   -0.02263886 
_atom_sites.fract_transf_matrix[3][1]   -0.02586249 
_atom_sites.fract_transf_matrix[3][2]   -0.03086359 
_atom_sites.fract_transf_matrix[3][3]   -0.00387500 
_atom_sites.fract_transf_vector[1]      0.242962 
_atom_sites.fract_transf_vector[2]      0.238600 
_atom_sites.fract_transf_vector[3]      0.085019 
# 
loop_
_atom_type.symbol 
C 
N 
O 
P 
# 
loop_
_atom_site.group_PDB 
_atom_site.id 
_atom_site.type_symbol 
_atom_site.label_atom_id 
_atom_site.label_alt_id 
_atom_site.label_comp_id 
_atom_site.label_asym_id 
_atom_site.label_entity_id 
_atom_site.label_seq_id 
_atom_site.pdbx_PDB_ins_code 
_atom_site.Cartn_x 
_atom_site.Cartn_y 
_atom_site.Cartn_z 
_atom_site.occupancy 
_atom_site.B_iso_or_equiv 
_atom_site.pdbx_formal_charge 
_atom_site.auth_seq_id 
_atom_site.auth_comp_id 
_atom_site.auth_asym_id 
_atom_site.auth_atom_id 
_atom_site.pdbx_PDB_model_num 
ATOM   1   O "O5'" . DC  A 1 1 ? 9.878   0.676  9.635   1.00 26.09 ? 1  DC  S "O5'" 1 
ATOM   2   C "C5'" . DC  A 1 1 ? 9.962   -0.249 10.718  1.00 26.17 ? 1  DC  S "C5'" 1 
ATOM   3   C "C4'" . DC  A 1 1 ? 8.775   -0.174 11.674  1.00 22.62 ? 1  DC  S "C4'" 1 
ATOM   4   O "O4'" . DC  A 1 1 ? 8.563   1.181  12.143  1.00 20.17 ? 1  DC  S "O4'" 1 
ATOM   5   C "C3'" . DC  A 1 1 ? 7.435   -0.573 11.066  1.00 22.74 ? 1  DC  S "C3'" 1 
ATOM   6   O "O3'" . DC  A 1 1 ? 7.261   -1.982 11.080  1.00 23.79 ? 1  DC  S "O3'" 1 
ATOM   7   C "C2'" . DC  A 1 1 ? 6.441   0.101  11.985  1.00 20.17 ? 1  DC  S "C2'" 1 
ATOM   8   C "C1'" . DC  A 1 1 ? 7.161   1.399  12.280  1.00 19.75 ? 1  DC  S "C1'" 1 
ATOM   9   N N1    . DC  A 1 1 ? 6.753   2.539  11.377  1.00 18.75 ? 1  DC  S N1    1 
ATOM   10  C C2    . DC  A 1 1 ? 5.531   3.168  11.630  1.00 19.05 ? 1  DC  S C2    1 
ATOM   11  O O2    . DC  A 1 1 ? 4.851   2.748  12.564  1.00 20.67 ? 1  DC  S O2    1 
ATOM   12  N N3    . DC  A 1 1 ? 5.150   4.207  10.854  1.00 19.06 ? 1  DC  S N3    1 
ATOM   13  C C4    . DC  A 1 1 ? 5.931   4.650  9.856   1.00 20.02 ? 1  DC  S C4    1 
ATOM   14  N N4    . DC  A 1 1 ? 5.481   5.678  9.126   1.00 19.24 ? 1  DC  S N4    1 
ATOM   15  C C5    . DC  A 1 1 ? 7.177   4.002  9.562   1.00 18.52 ? 1  DC  S C5    1 
ATOM   16  C C6    . DC  A 1 1 ? 7.526   2.963  10.347  1.00 18.39 ? 1  DC  S C6    1 
ATOM   17  P P     . DC  A 1 2 ? 6.595   -2.771 9.878   1.00 27.15 ? 2  DC  S P     1 
ATOM   18  O OP1   . DC  A 1 2 ? 6.750   -4.209 10.215  1.00 31.76 ? 2  DC  S OP1   1 
ATOM   19  O OP2   . DC  A 1 2 ? 7.017   -2.211 8.592   1.00 26.78 ? 2  DC  S OP2   1 
ATOM   20  O "O5'" . DC  A 1 2 ? 5.031   -2.453 9.952   1.00 26.05 ? 2  DC  S "O5'" 1 
ATOM   21  C "C5'" . DC  A 1 2 ? 4.264   -2.950 11.010  1.00 26.66 ? 2  DC  S "C5'" 1 
ATOM   22  C "C4'" . DC  A 1 2 ? 2.965   -2.180 11.151  1.00 22.80 ? 2  DC  S "C4'" 1 
ATOM   23  O "O4'" . DC  A 1 2 ? 3.248   -0.779 11.378  1.00 23.52 ? 2  DC  S "O4'" 1 
ATOM   24  C "C3'" . DC  A 1 2 ? 2.036   -2.193 9.947   1.00 23.03 ? 2  DC  S "C3'" 1 
ATOM   25  O "O3'" . DC  A 1 2 ? 1.253   -3.392 9.925   1.00 23.31 ? 2  DC  S "O3'" 1 
ATOM   26  C "C2'" . DC  A 1 2 ? 1.176   -0.977 10.250  1.00 21.10 ? 2  DC  S "C2'" 1 
ATOM   27  C "C1'" . DC  A 1 2 ? 2.193   -0.012 10.821  1.00 23.62 ? 2  DC  S "C1'" 1 
ATOM   28  N N1    . DC  A 1 2 ? 2.749   0.900  9.827   1.00 19.82 ? 2  DC  S N1    1 
ATOM   29  C C2    . DC  A 1 2 ? 1.981   2.014  9.486   1.00 20.17 ? 2  DC  S C2    1 
ATOM   30  O O2    . DC  A 1 2 ? 0.860   2.156  10.033  1.00 21.29 ? 2  DC  S O2    1 
ATOM   31  N N3    . DC  A 1 2 ? 2.494   2.878  8.591   1.00 20.11 ? 2  DC  S N3    1 
ATOM   32  C C4    . DC  A 1 2 ? 3.673   2.693  8.022   1.00 22.02 ? 2  DC  S C4    1 
ATOM   33  N N4    . DC  A 1 2 ? 4.072   3.597  7.150   1.00 20.28 ? 2  DC  S N4    1 
ATOM   34  C C5    . DC  A 1 2 ? 4.469   1.564  8.342   1.00 23.94 ? 2  DC  S C5    1 
ATOM   35  C C6    . DC  A 1 2 ? 3.976   0.717  9.235   1.00 20.73 ? 2  DC  S C6    1 
ATOM   36  P P     . DC  A 1 3 ? 0.562   -3.870 8.560   1.00 25.60 ? 3  DC  S P     1 
ATOM   37  O OP1   . DC  A 1 3 ? -0.087  -5.141 8.959   1.00 32.93 ? 3  DC  S OP1   1 
ATOM   38  O OP2   . DC  A 1 3 ? 1.550   -3.776 7.481   1.00 26.69 ? 3  DC  S OP2   1 
ATOM   39  O "O5'" . DC  A 1 3 ? -0.605  -2.783 8.300   1.00 24.60 ? 3  DC  S "O5'" 1 
ATOM   40  C "C5'" . DC  A 1 3 ? -1.755  -2.766 9.096   1.00 24.06 ? 3  DC  S "C5'" 1 
ATOM   41  C "C4'" . DC  A 1 3 ? -2.668  -1.616 8.723   1.00 23.09 ? 3  DC  S "C4'" 1 
ATOM   42  O "O4'" . DC  A 1 3 ? -1.981  -0.364 8.827   1.00 23.12 ? 3  DC  S "O4'" 1 
ATOM   43  C "C3'" . DC  A 1 3 ? -3.164  -1.612 7.299   1.00 19.74 ? 3  DC  S "C3'" 1 
ATOM   44  O "O3'" . DC  A 1 3 ? -4.288  -2.445 7.227   1.00 24.89 ? 3  DC  S "O3'" 1 
ATOM   45  C "C2'" . DC  A 1 3 ? -3.517  -0.158 7.065   1.00 19.68 ? 3  DC  S "C2'" 1 
ATOM   46  C "C1'" . DC  A 1 3 ? -2.433  0.546  7.836   1.00 21.74 ? 3  DC  S "C1'" 1 
ATOM   47  N N1    . DC  A 1 3 ? -1.282  1.020  7.006   1.00 20.88 ? 3  DC  S N1    1 
ATOM   48  C C2    . DC  A 1 3 ? -1.463  2.160  6.234   1.00 17.50 ? 3  DC  S C2    1 
ATOM   49  O O2    . DC  A 1 3 ? -2.581  2.703  6.228   1.00 19.01 ? 3  DC  S O2    1 
ATOM   50  N N3    . DC  A 1 3 ? -0.419  2.657  5.497   1.00 19.00 ? 3  DC  S N3    1 
ATOM   51  C C4    . DC  A 1 3 ? 0.762   2.031  5.511   1.00 18.21 ? 3  DC  S C4    1 
ATOM   52  N N4    . DC  A 1 3 ? 1.785   2.544  4.797   1.00 19.82 ? 3  DC  S N4    1 
ATOM   53  C C5    . DC  A 1 3 ? 0.961   0.854  6.293   1.00 21.03 ? 3  DC  S C5    1 
ATOM   54  C C6    . DC  A 1 3 ? -0.064  0.387  7.022   1.00 22.74 ? 3  DC  S C6    1 
ATOM   55  P P     . DT  A 1 4 ? -4.765  -3.048 5.833   1.00 23.94 ? 4  DT  S P     1 
ATOM   56  O OP1   . DT  A 1 4 ? -5.923  -3.893 6.197   1.00 25.83 ? 4  DT  S OP1   1 
ATOM   57  O OP2   . DT  A 1 4 ? -3.593  -3.650 5.174   1.00 25.57 ? 4  DT  S OP2   1 
ATOM   58  O "O5'" . DT  A 1 4 ? -5.280  -1.819 4.962   1.00 21.08 ? 4  DT  S "O5'" 1 
ATOM   59  C "C5'" . DT  A 1 4 ? -6.495  -1.177 5.229   1.00 22.98 ? 4  DT  S "C5'" 1 
ATOM   60  C "C4'" . DT  A 1 4 ? -6.692  -0.056 4.232   1.00 21.91 ? 4  DT  S "C4'" 1 
ATOM   61  O "O4'" . DT  A 1 4 ? -5.642  0.928  4.391   1.00 21.08 ? 4  DT  S "O4'" 1 
ATOM   62  C "C3'" . DT  A 1 4 ? -6.609  -0.501 2.787   1.00 22.16 ? 4  DT  S "C3'" 1 
ATOM   63  O "O3'" . DT  A 1 4 ? -7.861  -1.009 2.361   1.00 22.44 ? 4  DT  S "O3'" 1 
ATOM   64  C "C2'" . DT  A 1 4 ? -6.254  0.796  2.085   1.00 17.41 ? 4  DT  S "C2'" 1 
ATOM   65  C "C1'" . DT  A 1 4 ? -5.357  1.475  3.106   1.00 19.38 ? 4  DT  S "C1'" 1 
ATOM   66  N N1    . DT  A 1 4 ? -3.907  1.308  2.834   1.00 17.74 ? 4  DT  S N1    1 
ATOM   67  C C2    . DT  A 1 4 ? -3.300  2.202  1.978   1.00 15.72 ? 4  DT  S C2    1 
ATOM   68  O O2    . DT  A 1 4 ? -3.872  3.093  1.408   1.00 18.14 ? 4  DT  S O2    1 
ATOM   69  N N3    . DT  A 1 4 ? -1.941  2.059  1.832   1.00 15.53 ? 4  DT  S N3    1 
ATOM   70  C C4    . DT  A 1 4 ? -1.165  1.067  2.387   1.00 16.69 ? 4  DT  S C4    1 
ATOM   71  O O4    . DT  A 1 4 ? 0.043   1.005  2.169   1.00 18.94 ? 4  DT  S O4    1 
ATOM   72  C C5    . DT  A 1 4 ? -1.858  0.132  3.234   1.00 18.48 ? 4  DT  S C5    1 
ATOM   73  C C7    . DT  A 1 4 ? -1.169  -1.118 3.697   1.00 20.91 ? 4  DT  S C7    1 
ATOM   74  C C6    . DT  A 1 4 ? -3.184  0.300  3.428   1.00 16.73 ? 4  DT  S C6    1 
ATOM   75  P P     . DA  A 1 5 ? -7.957  -1.776 0.956   1.00 23.75 ? 5  DA  S P     1 
ATOM   76  O OP1   . DA  A 1 5 ? -9.321  -2.377 0.973   1.00 25.32 ? 5  DA  S OP1   1 
ATOM   77  O OP2   . DA  A 1 5 ? -6.813  -2.650 0.678   1.00 30.16 ? 5  DA  S OP2   1 
ATOM   78  O "O5'" . DA  A 1 5 ? -7.980  -0.555 -0.067  1.00 22.04 ? 5  DA  S "O5'" 1 
ATOM   79  C "C5'" . DA  A 1 5 ? -7.392  -0.706 -1.343  1.00 19.81 ? 5  DA  S "C5'" 1 
ATOM   80  C "C4'" . DA  A 1 5 ? -7.196  0.674  -1.913  1.00 20.14 ? 5  DA  S "C4'" 1 
ATOM   81  O "O4'" . DA  A 1 5 ? -6.264  1.358  -1.031  1.00 21.32 ? 5  DA  S "O4'" 1 
ATOM   82  C "C3'" . DA  A 1 5 ? -6.597  0.725  -3.307  1.00 20.68 ? 5  DA  S "C3'" 1 
ATOM   83  O "O3'" . DA  A 1 5 ? -7.627  0.721  -4.275  1.00 24.25 ? 5  DA  S "O3'" 1 
ATOM   84  C "C2'" . DA  A 1 5 ? -5.881  2.053  -3.279  1.00 21.72 ? 5  DA  S "C2'" 1 
ATOM   85  C "C1'" . DA  A 1 5 ? -5.310  2.016  -1.876  1.00 19.98 ? 5  DA  S "C1'" 1 
ATOM   86  N N9    . DA  A 1 5 ? -4.005  1.424  -1.654  1.00 21.17 ? 5  DA  S N9    1 
ATOM   87  C C8    . DA  A 1 5 ? -3.705  0.329  -0.899  1.00 19.06 ? 5  DA  S C8    1 
ATOM   88  N N7    . DA  A 1 5 ? -2.429  0.064  -0.815  1.00 18.58 ? 5  DA  S N7    1 
ATOM   89  C C5    . DA  A 1 5 ? -1.844  1.081  -1.552  1.00 17.78 ? 5  DA  S C5    1 
ATOM   90  C C6    . DA  A 1 5 ? -0.491  1.356  -1.852  1.00 16.70 ? 5  DA  S C6    1 
ATOM   91  N N6    . DA  A 1 5 ? 0.527   0.652  -1.380  1.00 18.25 ? 5  DA  S N6    1 
ATOM   92  N N1    . DA  A 1 5 ? -0.224  2.439  -2.609  1.00 17.81 ? 5  DA  S N1    1 
ATOM   93  C C2    . DA  A 1 5 ? -1.250  3.162  -3.064  1.00 16.32 ? 5  DA  S C2    1 
ATOM   94  N N3    . DA  A 1 5 ? -2.566  2.996  -2.866  1.00 17.62 ? 5  DA  S N3    1 
ATOM   95  C C4    . DA  A 1 5 ? -2.795  1.925  -2.081  1.00 19.22 ? 5  DA  S C4    1 
ATOM   96  P P     . DG  A 1 6 ? -7.422  -0.179 -5.594  1.00 25.95 ? 6  DG  S P     1 
ATOM   97  O OP1   . DG  A 1 6 ? -8.738  -0.015 -6.273  1.00 30.99 ? 6  DG  S OP1   1 
ATOM   98  O OP2   . DG  A 1 6 ? -6.839  -1.487 -5.288  1.00 26.73 ? 6  DG  S OP2   1 
ATOM   99  O "O5'" . DG  A 1 6 ? -6.330  0.626  -6.420  1.00 23.85 ? 6  DG  S "O5'" 1 
ATOM   100 C "C5'" . DG  A 1 6 ? -6.674  1.880  -6.984  1.00 23.08 ? 6  DG  S "C5'" 1 
ATOM   101 C "C4'" . DG  A 1 6 ? -5.402  2.564  -7.464  1.00 23.76 ? 6  DG  S "C4'" 1 
ATOM   102 O "O4'" . DG  A 1 6 ? -4.497  2.804  -6.352  1.00 20.45 ? 6  DG  S "O4'" 1 
ATOM   103 C "C3'" . DG  A 1 6 ? -4.608  1.731  -8.445  1.00 23.25 ? 6  DG  S "C3'" 1 
ATOM   104 O "O3'" . DG  A 1 6 ? -5.192  1.913  -9.744  1.00 27.43 ? 6  DG  S "O3'" 1 
ATOM   105 C "C2'" . DG  A 1 6 ? -3.234  2.352  -8.306  1.00 23.20 ? 6  DG  S "C2'" 1 
ATOM   106 C "C1'" . DG  A 1 6 ? -3.169  2.610  -6.808  1.00 18.61 ? 6  DG  S "C1'" 1 
ATOM   107 N N9    . DG  A 1 6 ? -2.557  1.535  -6.057  1.00 18.43 ? 6  DG  S N9    1 
ATOM   108 C C8    . DG  A 1 6 ? -3.166  0.516  -5.343  1.00 16.57 ? 6  DG  S C8    1 
ATOM   109 N N7    . DG  A 1 6 ? -2.313  -0.266 -4.777  1.00 18.00 ? 6  DG  S N7    1 
ATOM   110 C C5    . DG  A 1 6 ? -1.074  0.235  -5.156  1.00 15.26 ? 6  DG  S C5    1 
ATOM   111 C C6    . DG  A 1 6 ? 0.236   -0.196 -4.834  1.00 17.70 ? 6  DG  S C6    1 
ATOM   112 O O6    . DG  A 1 6 ? 0.569   -1.160 -4.116  1.00 19.13 ? 6  DG  S O6    1 
ATOM   113 N N1    . DG  A 1 6 ? 1.225   0.585  -5.399  1.00 19.25 ? 6  DG  S N1    1 
ATOM   114 C C2    . DG  A 1 6 ? 0.958   1.665  -6.191  1.00 15.97 ? 6  DG  S C2    1 
ATOM   115 N N2    . DG  A 1 6 ? 2.052   2.298  -6.641  1.00 17.80 ? 6  DG  S N2    1 
ATOM   116 N N3    . DG  A 1 6 ? -0.266  2.118  -6.478  1.00 17.64 ? 6  DG  S N3    1 
ATOM   117 C C4    . DG  A 1 6 ? -1.224  1.350  -5.923  1.00 16.33 ? 6  DG  S C4    1 
ATOM   118 P P     . DG  A 1 7 ? -4.875  0.828  -10.870 1.00 30.70 ? 7  DG  S P     1 
ATOM   119 O OP1   . DG  A 1 7 ? -5.610  1.383  -12.040 1.00 35.37 ? 7  DG  S OP1   1 
ATOM   120 O OP2   . DG  A 1 7 ? -5.023  -0.553 -10.429 1.00 29.11 ? 7  DG  S OP2   1 
ATOM   121 O "O5'" . DG  A 1 7 ? -3.301  1.058  -11.083 1.00 26.02 ? 7  DG  S "O5'" 1 
ATOM   122 C "C5'" . DG  A 1 7 ? -2.444  0.031  -11.415 1.00 19.29 ? 7  DG  S "C5'" 1 
ATOM   123 C "C4'" . DG  A 1 7 ? -1.036  0.564  -11.419 1.00 19.26 ? 7  DG  S "C4'" 1 
ATOM   124 O "O4'" . DG  A 1 7 ? -0.722  0.876  -10.027 1.00 20.74 ? 7  DG  S "O4'" 1 
ATOM   125 C "C3'" . DG  A 1 7 ? 0.034   -0.430 -11.835 1.00 20.12 ? 7  DG  S "C3'" 1 
ATOM   126 O "O3'" . DG  A 1 7 ? 0.267   -0.269 -13.236 1.00 20.73 ? 7  DG  S "O3'" 1 
ATOM   127 C "C2'" . DG  A 1 7 ? 1.245   -0.017 -11.036 1.00 20.51 ? 7  DG  S "C2'" 1 
ATOM   128 C "C1'" . DG  A 1 7 ? 0.588   0.396  -9.734  1.00 20.55 ? 7  DG  S "C1'" 1 
ATOM   129 N N9    . DG  A 1 7 ? 0.514   -0.685 -8.760  1.00 16.88 ? 7  DG  S N9    1 
ATOM   130 C C8    . DG  A 1 7 ? -0.595  -1.259 -8.210  1.00 16.96 ? 7  DG  S C8    1 
ATOM   131 N N7    . DG  A 1 7 ? -0.345  -2.200 -7.369  1.00 17.33 ? 7  DG  S N7    1 
ATOM   132 C C5    . DG  A 1 7 ? 1.028   -2.264 -7.350  1.00 15.69 ? 7  DG  S C5    1 
ATOM   133 C C6    . DG  A 1 7 ? 1.878   -3.102 -6.586  1.00 18.77 ? 7  DG  S C6    1 
ATOM   134 O O6    . DG  A 1 7 ? 1.544   -3.981 -5.757  1.00 19.35 ? 7  DG  S O6    1 
ATOM   135 N N1    . DG  A 1 7 ? 3.226   -2.873 -6.868  1.00 17.44 ? 7  DG  S N1    1 
ATOM   136 C C2    . DG  A 1 7 ? 3.677   -1.938 -7.782  1.00 15.39 ? 7  DG  S C2    1 
ATOM   137 N N2    . DG  A 1 7 ? 4.984   -1.818 -7.974  1.00 18.30 ? 7  DG  S N2    1 
ATOM   138 N N3    . DG  A 1 7 ? 2.876   -1.129 -8.478  1.00 16.49 ? 7  DG  S N3    1 
ATOM   139 C C4    . DG  A 1 7 ? 1.579   -1.354 -8.221  1.00 17.00 ? 7  DG  S C4    1 
ATOM   140 P P     . DG  A 1 8 ? 0.904   -1.464 -14.067 1.00 23.70 ? 8  DG  S P     1 
ATOM   141 O OP1   . DG  A 1 8 ? 0.968   -0.895 -15.438 1.00 29.51 ? 8  DG  S OP1   1 
ATOM   142 O OP2   . DG  A 1 8 ? 0.197   -2.722 -13.771 1.00 25.22 ? 8  DG  S OP2   1 
ATOM   143 O "O5'" . DG  A 1 8 ? 2.401   -1.649 -13.593 1.00 24.88 ? 8  DG  S "O5'" 1 
ATOM   144 C "C5'" . DG  A 1 8 ? 3.420   -0.716 -13.868 1.00 27.51 ? 8  DG  S "C5'" 1 
ATOM   145 C "C4'" . DG  A 1 8 ? 4.800   -1.256 -13.571 1.00 27.02 ? 8  DG  S "C4'" 1 
ATOM   146 O "O4'" . DG  A 1 8 ? 4.832   -1.743 -12.192 1.00 27.13 ? 8  DG  S "O4'" 1 
ATOM   147 C "C3'" . DG  A 1 8 ? 5.239   -2.405 -14.472 1.00 30.82 ? 8  DG  S "C3'" 1 
ATOM   148 O "O3'" . DG  A 1 8 ? 6.589   -2.172 -14.920 1.00 37.93 ? 8  DG  S "O3'" 1 
ATOM   149 C "C2'" . DG  A 1 8 ? 5.061   -3.621 -13.564 1.00 28.02 ? 8  DG  S "C2'" 1 
ATOM   150 C "C1'" . DG  A 1 8 ? 5.207   -3.108 -12.122 1.00 24.35 ? 8  DG  S "C1'" 1 
ATOM   151 N N9    . DG  A 1 8 ? 4.319   -3.797 -11.154 1.00 20.79 ? 8  DG  S N9    1 
ATOM   152 C C8    . DG  A 1 8 ? 2.963   -3.731 -11.079 1.00 19.28 ? 8  DG  S C8    1 
ATOM   153 N N7    . DG  A 1 8 ? 2.403   -4.436 -10.140 1.00 19.71 ? 8  DG  S N7    1 
ATOM   154 C C5    . DG  A 1 8 ? 3.506   -4.983 -9.508  1.00 17.08 ? 8  DG  S C5    1 
ATOM   155 C C6    . DG  A 1 8 ? 3.545   -5.858 -8.394  1.00 18.03 ? 8  DG  S C6    1 
ATOM   156 O O6    . DG  A 1 8 ? 2.605   -6.314 -7.731  1.00 20.34 ? 8  DG  S O6    1 
ATOM   157 N N1    . DG  A 1 8 ? 4.860   -6.186 -8.086  1.00 19.98 ? 8  DG  S N1    1 
ATOM   158 C C2    . DG  A 1 8 ? 5.987   -5.751 -8.749  1.00 17.70 ? 8  DG  S C2    1 
ATOM   159 N N2    . DG  A 1 8 ? 7.183   -6.185 -8.291  1.00 20.18 ? 8  DG  S N2    1 
ATOM   160 N N3    . DG  A 1 8 ? 5.954   -4.933 -9.796  1.00 19.93 ? 8  DG  S N3    1 
ATOM   161 C C4    . DG  A 1 8 ? 4.677   -4.607 -10.097 1.00 20.06 ? 8  DG  S C4    1 
HETATM 162 O O     . HOH B 2 . ? -4.309  5.097  -3.582  1.00 21.28 ? 9  HOH S O     1 
HETATM 163 O O     . HOH B 2 . ? -3.906  3.668  10.193  1.00 26.22 ? 10 HOH S O     1 
HETATM 164 O O     . HOH B 2 . ? -4.099  4.603  7.711   1.00 21.95 ? 11 HOH S O     1 
HETATM 165 O O     . HOH B 2 . ? 3.345   8.826  7.959   1.00 25.99 ? 12 HOH S O     1 
HETATM 166 O O     . HOH B 2 . ? -3.932  -1.749 -8.691  1.00 32.27 ? 13 HOH S O     1 
HETATM 167 O O     . HOH B 2 . ? 3.455   6.562  4.394   1.00 41.45 ? 14 HOH S O     1 
HETATM 168 O O     . HOH B 2 . ? 7.296   -8.455 -16.374 1.00 24.42 ? 15 HOH S O     1 
HETATM 169 O O     . HOH B 2 . ? 9.489   -5.067 10.488  1.00 34.05 ? 16 HOH S O     1 
HETATM 170 O O     . HOH B 2 . ? -1.729  -1.329 12.739  1.00 30.81 ? 17 HOH S O     1 
HETATM 171 O O     . HOH B 2 . ? 6.585   3.263  5.727   1.00 36.87 ? 18 HOH S O     1 
HETATM 172 O O     . HOH B 2 . ? 0.417   9.791  8.432   1.00 32.03 ? 19 HOH S O     1 
HETATM 173 O O     . HOH B 2 . ? 8.686   -4.422 -10.597 1.00 27.68 ? 20 HOH S O     1 
HETATM 174 O O     . HOH B 2 . ? -6.396  5.526  -5.356  1.00 28.39 ? 21 HOH S O     1 
HETATM 175 O O     . HOH B 2 . ? 4.141   0.279  0.283   1.00 32.88 ? 22 HOH S O     1 
HETATM 176 O O     . HOH B 2 . ? 2.628   9.257  4.779   1.00 32.14 ? 23 HOH S O     1 
HETATM 177 O O     . HOH B 2 . ? -3.218  -3.761 2.499   1.00 37.22 ? 24 HOH S O     1 
HETATM 178 O O     . HOH B 2 . ? 6.932   6.672  6.840   1.00 35.41 ? 25 HOH S O     1 
HETATM 179 O O     . HOH B 2 . ? -4.395  -2.492 0.592   1.00 33.74 ? 26 HOH S O     1 
HETATM 180 O O     . HOH B 2 . ? -0.964  -3.766 13.000  1.00 34.60 ? 27 HOH S O     1 
HETATM 181 O O     . HOH B 2 . ? -6.581  8.276  -5.088  0.50 38.84 ? 28 HOH S O     1 
HETATM 182 O O     . HOH B 2 . ? -0.602  -2.801 -2.183  1.00 42.50 ? 29 HOH S O     1 
HETATM 183 O O     . HOH B 2 . ? 3.038   8.264  1.904   1.00 31.45 ? 30 HOH S O     1 
HETATM 184 O O     . HOH B 2 . ? -5.927  6.134  -8.096  1.00 38.34 ? 31 HOH S O     1 
HETATM 185 O O     . HOH B 2 . ? 4.283   1.414  4.444   1.00 37.88 ? 32 HOH S O     1 
HETATM 186 O O     . HOH B 2 . ? -11.425 -0.266 8.855   1.00 37.21 ? 33 HOH S O     1 
HETATM 187 O O     . HOH B 2 . ? -3.337  -0.423 15.260  1.00 38.63 ? 34 HOH S O     1 
HETATM 188 O O     . HOH B 2 . ? 4.946   4.694  0.171   1.00 44.44 ? 35 HOH S O     1 
HETATM 189 O O     . HOH B 2 . ? -4.915  -2.619 -6.641  1.00 36.01 ? 36 HOH S O     1 
HETATM 190 O O     . HOH B 2 . ? -1.825  -5.581 11.120  1.00 35.62 ? 37 HOH S O     1 
HETATM 191 O O     . HOH B 2 . ? 4.489   3.017  1.933   1.00 39.20 ? 38 HOH S O     1 
HETATM 192 O O     . HOH B 2 . ? 2.811   -1.931 6.408   1.00 37.56 ? 39 HOH S O     1 
HETATM 193 O O     . HOH B 2 . ? -2.473  -2.999 -13.180 1.00 40.93 ? 40 HOH S O     1 
# 
